data_6F6R
#
_entry.id   6F6R
#
_cell.length_a   64.140
_cell.length_b   64.140
_cell.length_c   165.850
_cell.angle_alpha   90.00
_cell.angle_beta   90.00
_cell.angle_gamma   90.00
#
_symmetry.space_group_name_H-M   'P 43 21 2'
#
loop_
_entity.id
_entity.type
_entity.pdbx_description
1 polymer Caspase-1
2 polymer Caspase-1
3 non-polymer '(3~{S})-3-[[(2~{R})-2-[3-methyl-2,6-bis(oxidanylidene)-5-[[4-(quinoxalin-2-ylamino)phenyl]carbonylamino]pyrimidin-1-yl]propanoyl]amino]-4-oxidanyl-butanoic acid'
4 non-polymer 'SULFATE ION'
5 water water
#
loop_
_entity_poly.entity_id
_entity_poly.type
_entity_poly.pdbx_seq_one_letter_code
_entity_poly.pdbx_strand_id
1 'polypeptide(L)'
;QDNPAMPTSSGSEGNVKLCSLEEAQRIWKQKSAEIYPIMDKSSRTRLALIICNEEFDSIPRRTGAEVDITGMTMLLQNLG
YSVDVKKNLTASDMTTELEAFAHRPEHKTSDSTFLVFMSHGIREGICGKKHSEQVPDILQLNAIFNMLNTKNCPSLKDKP
KVIIIQACRGDSPGVVWFKD
;
A
2 'polypeptide(L)'
;AIKKAHIEKDFIAFCSSTPDNVSWRHPTMGSVFIGRLIEHMQEYACSCDVEEIFRKVRFSFEQPDGRAQMPTTERVTLTR
CFYLFPGH
;
B
#
# COMPACT_ATOMS: atom_id res chain seq x y z
N GLN A 1 29.21 -21.17 -3.28
CA GLN A 1 29.15 -22.09 -4.41
C GLN A 1 27.77 -22.08 -5.10
N ASP A 2 27.17 -20.88 -5.23
CA ASP A 2 25.87 -20.64 -5.87
C ASP A 2 26.05 -20.18 -7.33
N ASN A 3 24.98 -20.29 -8.13
CA ASN A 3 24.94 -19.93 -9.53
C ASN A 3 24.11 -18.64 -9.72
N PRO A 4 24.74 -17.52 -10.15
CA PRO A 4 24.01 -16.26 -10.32
C PRO A 4 22.84 -16.31 -11.29
N ALA A 5 22.85 -17.27 -12.23
CA ALA A 5 21.79 -17.43 -13.24
C ALA A 5 20.57 -18.15 -12.65
N MET A 6 20.72 -18.71 -11.44
CA MET A 6 19.68 -19.45 -10.74
C MET A 6 19.34 -18.61 -9.50
N PRO A 7 18.48 -17.57 -9.66
CA PRO A 7 18.19 -16.69 -8.50
C PRO A 7 17.42 -17.38 -7.39
N THR A 8 17.87 -17.16 -6.15
CA THR A 8 17.19 -17.78 -5.02
C THR A 8 15.96 -16.93 -4.71
N SER A 9 14.80 -17.56 -4.86
CA SER A 9 13.48 -17.03 -4.58
C SER A 9 12.82 -17.91 -3.50
N SER A 10 13.64 -18.77 -2.88
CA SER A 10 13.17 -19.75 -1.90
C SER A 10 13.23 -19.31 -0.44
N GLY A 11 13.71 -18.11 -0.15
CA GLY A 11 13.80 -17.60 1.22
C GLY A 11 12.53 -16.90 1.66
N SER A 12 12.51 -16.33 2.88
CA SER A 12 11.33 -15.60 3.37
C SER A 12 10.98 -14.38 2.50
N GLU A 13 11.97 -13.85 1.75
CA GLU A 13 11.74 -12.68 0.90
C GLU A 13 11.16 -13.04 -0.48
N GLY A 14 11.04 -14.34 -0.77
CA GLY A 14 10.49 -14.86 -2.02
C GLY A 14 11.07 -14.20 -3.26
N ASN A 15 10.19 -13.62 -4.11
CA ASN A 15 10.56 -12.97 -5.35
C ASN A 15 11.04 -11.52 -5.19
N VAL A 16 11.15 -11.03 -3.96
CA VAL A 16 11.66 -9.67 -3.77
C VAL A 16 13.19 -9.71 -3.86
N LYS A 17 13.78 -8.93 -4.80
CA LYS A 17 15.24 -8.86 -4.94
C LYS A 17 15.84 -8.31 -3.64
N LEU A 18 16.87 -8.98 -3.14
CA LEU A 18 17.54 -8.62 -1.90
C LEU A 18 18.45 -7.42 -2.00
N CYS A 19 18.54 -6.66 -0.91
CA CYS A 19 19.42 -5.51 -0.78
C CYS A 19 20.73 -6.06 -0.17
N SER A 20 21.81 -6.14 -0.96
CA SER A 20 23.09 -6.66 -0.44
C SER A 20 23.62 -5.79 0.70
N LEU A 21 24.49 -6.35 1.55
CA LEU A 21 25.08 -5.61 2.67
C LEU A 21 25.80 -4.36 2.15
N GLU A 22 26.54 -4.52 1.04
CA GLU A 22 27.26 -3.45 0.36
C GLU A 22 26.30 -2.36 -0.13
N GLU A 23 25.15 -2.76 -0.77
CA GLU A 23 24.16 -1.80 -1.25
C GLU A 23 23.49 -1.08 -0.08
N ALA A 24 23.15 -1.82 1.00
CA ALA A 24 22.52 -1.27 2.22
C ALA A 24 23.44 -0.21 2.83
N GLN A 25 24.74 -0.53 2.96
CA GLN A 25 25.75 0.40 3.48
C GLN A 25 25.95 1.61 2.55
N ARG A 26 25.86 1.40 1.22
CA ARG A 26 25.96 2.47 0.20
C ARG A 26 24.77 3.42 0.29
N ILE A 27 23.55 2.86 0.46
CA ILE A 27 22.31 3.64 0.59
C ILE A 27 22.41 4.59 1.80
N TRP A 28 22.88 4.06 2.95
CA TRP A 28 23.08 4.82 4.19
C TRP A 28 24.13 5.91 4.05
N LYS A 29 25.35 5.58 3.56
CA LYS A 29 26.46 6.51 3.37
C LYS A 29 26.16 7.71 2.44
N GLN A 30 25.06 7.65 1.68
CA GLN A 30 24.68 8.72 0.77
C GLN A 30 23.85 9.80 1.49
N LYS A 31 22.82 9.38 2.28
CA LYS A 31 21.90 10.30 3.00
C LYS A 31 21.31 9.70 4.31
N SER A 32 22.18 9.14 5.19
CA SER A 32 21.82 8.54 6.49
C SER A 32 20.88 9.38 7.35
N ALA A 33 21.20 10.69 7.48
CA ALA A 33 20.44 11.67 8.26
C ALA A 33 19.01 11.87 7.74
N GLU A 34 18.69 11.35 6.53
CA GLU A 34 17.39 11.52 5.88
C GLU A 34 16.72 10.21 5.43
N ILE A 35 17.00 9.12 6.17
CA ILE A 35 16.37 7.83 5.92
C ILE A 35 15.65 7.40 7.19
N TYR A 36 14.48 6.78 7.06
CA TYR A 36 13.78 6.26 8.21
C TYR A 36 14.61 5.12 8.82
N PRO A 37 14.80 5.17 10.14
CA PRO A 37 15.58 4.11 10.81
C PRO A 37 14.86 2.76 10.79
N ILE A 38 15.62 1.68 10.59
CA ILE A 38 15.00 0.38 10.63
C ILE A 38 15.51 -0.37 11.88
N MET A 39 14.58 -1.07 12.52
CA MET A 39 14.81 -1.83 13.74
C MET A 39 15.49 -3.16 13.46
N ASP A 40 16.10 -3.76 14.51
CA ASP A 40 16.82 -5.04 14.46
C ASP A 40 15.89 -6.11 13.90
N LYS A 41 16.33 -6.81 12.86
CA LYS A 41 15.58 -7.91 12.22
C LYS A 41 15.19 -9.01 13.26
N SER A 42 16.11 -9.34 14.17
CA SER A 42 15.85 -10.41 15.14
C SER A 42 14.76 -10.12 16.18
N SER A 43 14.47 -8.83 16.45
CA SER A 43 13.50 -8.50 17.50
C SER A 43 12.30 -7.66 17.06
N ARG A 44 12.36 -6.95 15.91
CA ARG A 44 11.21 -6.14 15.46
C ARG A 44 9.95 -6.98 15.19
N THR A 45 8.78 -6.35 15.35
CA THR A 45 7.50 -7.03 15.17
C THR A 45 6.68 -6.19 14.21
N ARG A 46 7.08 -6.19 12.92
CA ARG A 46 6.36 -5.36 11.95
C ARG A 46 4.96 -5.93 11.68
N LEU A 47 3.93 -5.07 11.62
CA LEU A 47 2.57 -5.50 11.24
C LEU A 47 2.06 -4.82 9.99
N ALA A 48 1.17 -5.50 9.25
CA ALA A 48 0.50 -4.88 8.12
C ALA A 48 -0.94 -5.36 8.10
N LEU A 49 -1.83 -4.55 7.56
CA LEU A 49 -3.23 -4.92 7.50
C LEU A 49 -3.74 -4.85 6.05
N ILE A 50 -4.48 -5.87 5.64
CA ILE A 50 -5.14 -5.92 4.35
C ILE A 50 -6.64 -6.05 4.63
N ILE A 51 -7.42 -5.12 4.07
CA ILE A 51 -8.87 -5.11 4.12
C ILE A 51 -9.32 -5.26 2.65
N CYS A 52 -10.05 -6.34 2.36
CA CYS A 52 -10.46 -6.55 0.99
C CYS A 52 -11.88 -7.03 0.92
N ASN A 53 -12.71 -6.35 0.11
CA ASN A 53 -14.12 -6.72 -0.10
C ASN A 53 -14.31 -7.26 -1.49
N GLU A 54 -14.79 -8.51 -1.56
CA GLU A 54 -15.09 -9.20 -2.81
C GLU A 54 -16.62 -9.38 -2.95
N GLU A 55 -17.31 -9.74 -1.87
CA GLU A 55 -18.76 -10.03 -1.85
C GLU A 55 -19.52 -8.87 -1.24
N PHE A 56 -20.51 -8.38 -1.97
CA PHE A 56 -21.33 -7.23 -1.60
C PHE A 56 -22.80 -7.60 -1.61
N ASP A 57 -23.60 -6.92 -0.76
CA ASP A 57 -25.04 -7.13 -0.66
C ASP A 57 -25.77 -6.63 -1.89
N SER A 58 -25.40 -5.45 -2.42
CA SER A 58 -26.16 -4.85 -3.52
C SER A 58 -25.38 -4.48 -4.79
N ILE A 59 -24.06 -4.72 -4.82
CA ILE A 59 -23.25 -4.40 -6.01
C ILE A 59 -22.47 -5.65 -6.50
N PRO A 60 -21.94 -5.70 -7.75
CA PRO A 60 -21.31 -6.94 -8.24
C PRO A 60 -20.08 -7.43 -7.50
N ARG A 61 -19.91 -8.76 -7.53
CA ARG A 61 -18.77 -9.44 -6.92
C ARG A 61 -17.48 -8.96 -7.60
N ARG A 62 -16.42 -8.73 -6.80
CA ARG A 62 -15.14 -8.31 -7.34
C ARG A 62 -14.28 -9.56 -7.59
N THR A 63 -14.62 -10.35 -8.63
N THR A 63 -14.63 -10.37 -8.62
CA THR A 63 -13.89 -11.57 -9.03
CA THR A 63 -13.86 -11.58 -8.97
C THR A 63 -12.42 -11.17 -9.32
C THR A 63 -12.43 -11.17 -9.30
N GLY A 64 -11.48 -11.94 -8.78
CA GLY A 64 -10.06 -11.69 -8.94
C GLY A 64 -9.47 -11.09 -7.69
N ALA A 65 -10.33 -10.66 -6.73
CA ALA A 65 -9.89 -10.06 -5.45
C ALA A 65 -8.99 -11.02 -4.64
N GLU A 66 -9.25 -12.34 -4.72
CA GLU A 66 -8.44 -13.34 -4.00
C GLU A 66 -7.01 -13.36 -4.51
N VAL A 67 -6.80 -13.08 -5.82
CA VAL A 67 -5.49 -13.02 -6.47
C VAL A 67 -4.73 -11.81 -5.90
N ASP A 68 -5.44 -10.69 -5.71
CA ASP A 68 -4.88 -9.48 -5.09
C ASP A 68 -4.49 -9.74 -3.61
N ILE A 69 -5.35 -10.47 -2.86
CA ILE A 69 -5.06 -10.81 -1.46
C ILE A 69 -3.78 -11.65 -1.42
N THR A 70 -3.71 -12.69 -2.27
CA THR A 70 -2.52 -13.54 -2.33
C THR A 70 -1.25 -12.73 -2.59
N GLY A 71 -1.26 -11.95 -3.67
CA GLY A 71 -0.09 -11.17 -4.04
C GLY A 71 0.34 -10.17 -2.99
N MET A 72 -0.60 -9.38 -2.45
CA MET A 72 -0.22 -8.38 -1.43
C MET A 72 0.22 -9.04 -0.08
N THR A 73 -0.47 -10.12 0.34
CA THR A 73 -0.08 -10.81 1.58
C THR A 73 1.36 -11.33 1.43
N MET A 74 1.66 -12.04 0.34
CA MET A 74 3.00 -12.62 0.16
C MET A 74 4.06 -11.53 0.05
N LEU A 75 3.76 -10.43 -0.67
CA LEU A 75 4.67 -9.30 -0.80
C LEU A 75 4.98 -8.70 0.56
N LEU A 76 3.94 -8.37 1.35
CA LEU A 76 4.13 -7.78 2.66
C LEU A 76 4.91 -8.71 3.60
N GLN A 77 4.63 -10.03 3.58
CA GLN A 77 5.44 -11.00 4.37
C GLN A 77 6.89 -10.99 3.87
N ASN A 78 7.09 -10.94 2.53
CA ASN A 78 8.43 -10.92 1.90
C ASN A 78 9.20 -9.70 2.39
N LEU A 79 8.51 -8.58 2.62
CA LEU A 79 9.12 -7.35 3.13
C LEU A 79 9.29 -7.32 4.66
N GLY A 80 8.90 -8.40 5.35
CA GLY A 80 9.08 -8.55 6.79
C GLY A 80 7.91 -8.18 7.68
N TYR A 81 6.69 -8.09 7.12
CA TYR A 81 5.52 -7.75 7.92
C TYR A 81 4.69 -8.98 8.23
N SER A 82 4.09 -9.02 9.43
CA SER A 82 3.10 -10.06 9.80
C SER A 82 1.80 -9.45 9.33
N VAL A 83 1.04 -10.19 8.55
CA VAL A 83 -0.12 -9.62 7.87
C VAL A 83 -1.45 -10.10 8.41
N ASP A 84 -2.33 -9.15 8.75
CA ASP A 84 -3.71 -9.52 9.12
C ASP A 84 -4.55 -9.31 7.87
N VAL A 85 -5.44 -10.23 7.58
CA VAL A 85 -6.31 -10.14 6.40
C VAL A 85 -7.75 -10.14 6.89
N LYS A 86 -8.49 -9.07 6.60
CA LYS A 86 -9.91 -8.92 7.01
C LYS A 86 -10.74 -8.75 5.75
N LYS A 87 -11.81 -9.54 5.61
CA LYS A 87 -12.60 -9.52 4.39
C LYS A 87 -14.06 -9.22 4.60
N ASN A 88 -14.67 -8.65 3.56
CA ASN A 88 -16.09 -8.35 3.41
C ASN A 88 -16.66 -7.62 4.64
N LEU A 89 -16.19 -6.39 4.81
CA LEU A 89 -16.56 -5.53 5.93
C LEU A 89 -17.39 -4.34 5.47
N THR A 90 -18.26 -3.85 6.36
CA THR A 90 -18.99 -2.60 6.13
C THR A 90 -17.98 -1.48 6.48
N ALA A 91 -18.30 -0.20 6.19
CA ALA A 91 -17.38 0.90 6.55
C ALA A 91 -17.19 0.97 8.07
N SER A 92 -18.27 0.66 8.84
CA SER A 92 -18.26 0.63 10.31
C SER A 92 -17.28 -0.45 10.78
N ASP A 93 -17.34 -1.67 10.16
CA ASP A 93 -16.44 -2.78 10.48
C ASP A 93 -15.01 -2.39 10.18
N MET A 94 -14.77 -1.68 9.06
CA MET A 94 -13.43 -1.24 8.67
C MET A 94 -12.86 -0.30 9.71
N THR A 95 -13.70 0.65 10.20
CA THR A 95 -13.33 1.60 11.26
C THR A 95 -12.92 0.83 12.54
N THR A 96 -13.75 -0.14 12.97
CA THR A 96 -13.48 -0.97 14.14
C THR A 96 -12.14 -1.72 13.98
N GLU A 97 -11.90 -2.32 12.79
CA GLU A 97 -10.66 -3.06 12.51
C GLU A 97 -9.45 -2.15 12.54
N LEU A 98 -9.56 -0.97 11.93
CA LEU A 98 -8.47 0.02 11.87
C LEU A 98 -8.15 0.51 13.29
N GLU A 99 -9.18 0.78 14.09
CA GLU A 99 -8.98 1.18 15.50
C GLU A 99 -8.29 0.08 16.29
N ALA A 100 -8.71 -1.19 16.08
CA ALA A 100 -8.07 -2.34 16.72
C ALA A 100 -6.62 -2.43 16.27
N PHE A 101 -6.36 -2.23 14.95
CA PHE A 101 -5.02 -2.27 14.39
C PHE A 101 -4.09 -1.24 15.00
N ALA A 102 -4.58 -0.01 15.19
CA ALA A 102 -3.83 1.11 15.80
C ALA A 102 -3.49 0.80 17.27
N HIS A 103 -4.30 -0.07 17.91
CA HIS A 103 -4.13 -0.47 19.31
C HIS A 103 -3.16 -1.63 19.49
N ARG A 104 -2.63 -2.21 18.39
CA ARG A 104 -1.73 -3.37 18.46
C ARG A 104 -0.40 -3.04 19.14
N PRO A 105 -0.02 -3.81 20.21
CA PRO A 105 1.24 -3.50 20.93
C PRO A 105 2.49 -3.74 20.09
N GLU A 106 2.39 -4.61 19.05
CA GLU A 106 3.53 -4.85 18.14
C GLU A 106 4.07 -3.58 17.47
N HIS A 107 3.20 -2.56 17.23
CA HIS A 107 3.67 -1.33 16.58
C HIS A 107 4.77 -0.65 17.42
N LYS A 108 4.74 -0.80 18.75
CA LYS A 108 5.77 -0.19 19.62
C LYS A 108 7.18 -0.77 19.30
N THR A 109 7.24 -2.03 18.88
CA THR A 109 8.52 -2.66 18.51
C THR A 109 8.62 -2.87 16.99
N SER A 110 7.95 -1.97 16.23
CA SER A 110 7.99 -1.97 14.79
C SER A 110 8.55 -0.61 14.33
N ASP A 111 9.04 -0.54 13.09
CA ASP A 111 9.62 0.67 12.50
C ASP A 111 8.74 1.29 11.42
N SER A 112 7.57 0.66 11.12
CA SER A 112 6.76 1.12 9.99
C SER A 112 5.49 0.29 9.89
N THR A 113 4.58 0.66 8.98
CA THR A 113 3.41 -0.20 8.72
C THR A 113 2.93 -0.02 7.28
N PHE A 114 2.12 -0.98 6.80
CA PHE A 114 1.47 -0.87 5.49
C PHE A 114 -0.01 -1.20 5.77
N LEU A 115 -0.93 -0.43 5.18
CA LEU A 115 -2.37 -0.70 5.22
C LEU A 115 -2.77 -0.82 3.75
N VAL A 116 -3.53 -1.85 3.41
CA VAL A 116 -3.92 -2.05 2.00
C VAL A 116 -5.43 -2.19 2.01
N PHE A 117 -6.14 -1.35 1.20
CA PHE A 117 -7.61 -1.36 1.08
C PHE A 117 -7.96 -1.69 -0.34
N MET A 118 -8.83 -2.69 -0.55
CA MET A 118 -9.15 -3.10 -1.90
C MET A 118 -10.63 -3.37 -1.92
N SER A 119 -11.36 -2.55 -2.66
CA SER A 119 -12.82 -2.70 -2.71
C SER A 119 -13.37 -1.93 -3.89
N HIS A 120 -14.71 -1.91 -4.01
CA HIS A 120 -15.35 -1.04 -4.97
C HIS A 120 -15.13 0.34 -4.37
N GLY A 121 -15.18 1.34 -5.21
CA GLY A 121 -15.01 2.72 -4.77
C GLY A 121 -15.79 3.68 -5.64
N ILE A 122 -16.04 4.86 -5.10
CA ILE A 122 -16.70 5.99 -5.75
C ILE A 122 -15.82 7.20 -5.47
N ARG A 123 -16.17 8.40 -5.96
CA ARG A 123 -15.36 9.59 -5.72
C ARG A 123 -15.14 9.88 -4.24
N GLU A 124 -16.20 9.69 -3.46
CA GLU A 124 -16.28 9.93 -2.02
C GLU A 124 -15.31 9.04 -1.21
N GLY A 125 -15.14 7.78 -1.61
CA GLY A 125 -14.26 6.87 -0.89
C GLY A 125 -14.45 5.41 -1.24
N ILE A 126 -14.07 4.51 -0.31
CA ILE A 126 -14.06 3.06 -0.47
C ILE A 126 -15.42 2.48 -0.04
N CYS A 127 -15.98 1.55 -0.82
CA CYS A 127 -17.26 0.92 -0.52
C CYS A 127 -17.16 -0.17 0.52
N GLY A 128 -18.07 -0.15 1.47
CA GLY A 128 -18.21 -1.24 2.44
C GLY A 128 -19.17 -2.23 1.80
N LYS A 129 -19.24 -3.47 2.29
CA LYS A 129 -20.04 -4.54 1.69
C LYS A 129 -21.53 -4.22 1.54
N LYS A 130 -22.08 -3.32 2.39
CA LYS A 130 -23.51 -2.99 2.32
C LYS A 130 -23.85 -1.80 1.40
N HIS A 131 -22.84 -1.18 0.74
CA HIS A 131 -23.05 0.00 -0.12
C HIS A 131 -24.09 -0.18 -1.22
N SER A 132 -24.92 0.86 -1.36
CA SER A 132 -25.93 1.01 -2.39
C SER A 132 -26.06 2.51 -2.61
N GLU A 133 -26.52 2.93 -3.80
CA GLU A 133 -26.74 4.34 -4.14
C GLU A 133 -27.77 4.94 -3.14
N GLN A 134 -28.77 4.12 -2.75
CA GLN A 134 -29.85 4.45 -1.83
C GLN A 134 -29.33 4.71 -0.40
N VAL A 135 -28.56 3.75 0.16
CA VAL A 135 -27.98 3.85 1.50
C VAL A 135 -26.43 3.65 1.41
N PRO A 136 -25.68 4.76 1.26
CA PRO A 136 -24.21 4.63 1.13
C PRO A 136 -23.54 4.01 2.34
N ASP A 137 -22.44 3.27 2.08
CA ASP A 137 -21.60 2.61 3.07
C ASP A 137 -20.19 2.88 2.58
N ILE A 138 -19.66 4.05 2.99
CA ILE A 138 -18.39 4.54 2.51
C ILE A 138 -17.42 4.83 3.61
N LEU A 139 -16.16 4.39 3.42
CA LEU A 139 -15.07 4.76 4.29
C LEU A 139 -14.25 5.81 3.53
N GLN A 140 -14.09 6.99 4.11
CA GLN A 140 -13.32 8.05 3.47
C GLN A 140 -11.84 7.88 3.82
N LEU A 141 -10.95 8.24 2.88
CA LEU A 141 -9.50 8.20 3.11
C LEU A 141 -9.12 9.06 4.29
N ASN A 142 -9.84 10.18 4.52
CA ASN A 142 -9.56 11.07 5.66
C ASN A 142 -9.67 10.32 6.99
N ALA A 143 -10.64 9.40 7.11
CA ALA A 143 -10.84 8.62 8.33
C ALA A 143 -9.67 7.66 8.58
N ILE A 144 -9.09 7.08 7.52
CA ILE A 144 -7.95 6.17 7.60
C ILE A 144 -6.74 6.91 8.20
N PHE A 145 -6.45 8.10 7.67
CA PHE A 145 -5.35 8.95 8.15
C PHE A 145 -5.58 9.32 9.62
N ASN A 146 -6.80 9.76 9.96
CA ASN A 146 -7.13 10.11 11.35
C ASN A 146 -6.89 8.95 12.33
N MET A 147 -7.33 7.74 11.98
CA MET A 147 -7.17 6.60 12.88
C MET A 147 -5.72 6.15 13.10
N LEU A 148 -4.81 6.51 12.17
CA LEU A 148 -3.41 6.08 12.25
C LEU A 148 -2.45 7.22 12.54
N ASN A 149 -2.95 8.42 12.85
CA ASN A 149 -2.05 9.56 13.05
C ASN A 149 -1.39 9.54 14.44
N THR A 150 -0.51 10.51 14.73
CA THR A 150 0.28 10.54 15.96
C THR A 150 -0.56 10.53 17.22
N LYS A 151 -1.76 11.11 17.16
CA LYS A 151 -2.68 11.13 18.28
C LYS A 151 -3.37 9.75 18.49
N ASN A 152 -3.98 9.18 17.43
CA ASN A 152 -4.76 7.95 17.53
C ASN A 152 -3.92 6.69 17.45
N CYS A 153 -2.70 6.78 16.96
CA CYS A 153 -1.77 5.65 16.93
C CYS A 153 -0.40 6.15 17.39
N PRO A 154 -0.27 6.48 18.71
CA PRO A 154 1.02 6.99 19.20
C PRO A 154 2.19 6.04 19.02
N SER A 155 1.95 4.72 18.96
CA SER A 155 3.01 3.71 18.79
C SER A 155 3.72 3.85 17.43
N LEU A 156 3.04 4.48 16.45
CA LEU A 156 3.62 4.68 15.12
C LEU A 156 4.14 6.11 14.88
N LYS A 157 4.23 6.92 15.95
CA LYS A 157 4.81 8.27 15.85
C LYS A 157 6.21 8.15 15.21
N ASP A 158 6.47 9.00 14.21
CA ASP A 158 7.76 9.10 13.50
C ASP A 158 8.08 7.87 12.65
N LYS A 159 7.09 7.03 12.40
CA LYS A 159 7.29 5.83 11.60
C LYS A 159 6.47 5.91 10.32
N PRO A 160 7.04 5.48 9.16
CA PRO A 160 6.31 5.59 7.89
C PRO A 160 5.10 4.70 7.88
N LYS A 161 3.97 5.25 7.41
CA LYS A 161 2.68 4.53 7.35
C LYS A 161 2.26 4.60 5.88
N VAL A 162 2.38 3.47 5.18
CA VAL A 162 2.11 3.43 3.74
C VAL A 162 0.71 2.90 3.54
N ILE A 163 -0.14 3.67 2.86
CA ILE A 163 -1.52 3.25 2.62
C ILE A 163 -1.68 2.97 1.11
N ILE A 164 -2.16 1.78 0.74
CA ILE A 164 -2.35 1.39 -0.66
C ILE A 164 -3.84 1.23 -0.85
N ILE A 165 -4.39 1.90 -1.90
CA ILE A 165 -5.81 1.76 -2.18
C ILE A 165 -6.07 1.32 -3.60
N GLN A 166 -6.74 0.16 -3.75
CA GLN A 166 -7.21 -0.32 -5.04
C GLN A 166 -8.72 -0.17 -4.99
N ALA A 167 -9.26 0.83 -5.72
CA ALA A 167 -10.70 1.14 -5.76
C ALA A 167 -10.91 2.22 -6.79
N CYS A 168 -11.96 2.11 -7.63
CA CYS A 168 -12.36 3.14 -8.60
C CYS A 168 -12.57 4.44 -7.82
N ARG A 169 -12.37 5.58 -8.45
CA ARG A 169 -12.55 6.87 -7.77
C ARG A 169 -13.64 7.66 -8.49
N GLY A 170 -14.48 6.93 -9.23
CA GLY A 170 -15.56 7.52 -9.99
C GLY A 170 -15.93 6.61 -11.11
N ASP A 171 -16.56 7.18 -12.13
CA ASP A 171 -17.10 6.48 -13.28
C ASP A 171 -16.42 6.88 -14.61
N SER A 172 -15.44 7.78 -14.60
CA SER A 172 -14.84 8.21 -15.87
C SER A 172 -13.68 7.31 -16.35
N PRO A 173 -13.46 7.24 -17.68
CA PRO A 173 -12.32 6.46 -18.22
C PRO A 173 -10.97 7.14 -18.02
N GLY A 174 -10.97 8.42 -17.65
CA GLY A 174 -9.71 9.12 -17.37
C GLY A 174 -8.82 9.45 -18.55
N VAL A 175 -9.43 9.64 -19.73
CA VAL A 175 -8.73 9.92 -21.00
C VAL A 175 -9.29 11.10 -21.76
N VAL A 176 -8.48 11.65 -22.67
CA VAL A 176 -8.85 12.71 -23.60
C VAL A 176 -8.12 12.33 -24.89
N TRP A 177 -8.66 12.70 -26.04
CA TRP A 177 -8.02 12.44 -27.31
C TRP A 177 -7.09 13.59 -27.63
N PHE A 178 -6.02 13.32 -28.39
CA PHE A 178 -5.18 14.38 -28.94
C PHE A 178 -4.77 13.94 -30.31
N LYS A 179 -4.38 14.89 -31.15
CA LYS A 179 -3.94 14.63 -32.52
C LYS A 179 -2.49 14.11 -32.45
N ASP A 180 -2.27 12.85 -32.84
CA ASP A 180 -0.94 12.23 -32.78
C ASP A 180 -0.10 12.58 -34.00
N ALA B 1 8.88 15.33 30.77
CA ALA B 1 7.95 16.44 30.60
C ALA B 1 7.17 16.26 29.29
N ILE B 2 6.11 17.04 29.07
CA ILE B 2 5.36 16.87 27.81
C ILE B 2 5.99 17.70 26.71
N LYS B 3 5.88 17.21 25.48
CA LYS B 3 6.42 17.84 24.28
C LYS B 3 5.36 17.76 23.19
N LYS B 4 5.29 18.78 22.32
CA LYS B 4 4.34 18.80 21.22
C LYS B 4 4.87 18.01 20.05
N ALA B 5 3.98 17.29 19.35
CA ALA B 5 4.32 16.54 18.14
C ALA B 5 3.30 16.88 17.03
N HIS B 6 3.73 16.84 15.76
CA HIS B 6 2.80 17.05 14.65
C HIS B 6 1.72 15.97 14.76
N ILE B 7 0.46 16.35 14.63
CA ILE B 7 -0.65 15.37 14.70
C ILE B 7 -0.64 14.40 13.51
N GLU B 8 -0.25 14.89 12.31
CA GLU B 8 -0.21 14.05 11.10
C GLU B 8 1.14 14.21 10.44
N LYS B 9 1.88 13.10 10.32
CA LYS B 9 3.22 13.14 9.75
C LYS B 9 3.60 11.71 9.41
N ASP B 10 4.55 11.57 8.46
CA ASP B 10 5.10 10.27 8.04
C ASP B 10 4.09 9.35 7.35
N PHE B 11 3.14 9.93 6.61
CA PHE B 11 2.24 9.13 5.82
C PHE B 11 2.55 9.22 4.31
N ILE B 12 2.06 8.23 3.58
CA ILE B 12 1.99 8.27 2.13
C ILE B 12 0.83 7.38 1.72
N ALA B 13 -0.08 7.85 0.84
CA ALA B 13 -1.14 7.02 0.33
C ALA B 13 -0.89 6.91 -1.18
N PHE B 14 -1.14 5.73 -1.74
CA PHE B 14 -0.97 5.50 -3.17
C PHE B 14 -2.28 4.87 -3.64
N CYS B 15 -3.03 5.60 -4.51
CA CYS B 15 -4.34 5.19 -5.04
C CYS B 15 -4.17 4.65 -6.46
N SER B 16 -5.09 3.73 -6.89
CA SER B 16 -4.99 3.05 -8.18
C SER B 16 -5.29 3.92 -9.40
N SER B 17 -5.87 5.12 -9.20
CA SER B 17 -6.18 6.04 -10.30
C SER B 17 -6.29 7.48 -9.78
N THR B 18 -6.50 8.45 -10.70
CA THR B 18 -6.69 9.87 -10.38
C THR B 18 -8.15 10.07 -9.98
N PRO B 19 -8.47 11.14 -9.20
CA PRO B 19 -9.87 11.39 -8.81
C PRO B 19 -10.82 11.42 -10.00
N ASP B 20 -12.06 10.88 -9.83
N ASP B 20 -12.05 10.87 -9.84
CA ASP B 20 -13.14 10.78 -10.84
CA ASP B 20 -13.13 10.79 -10.83
C ASP B 20 -13.01 9.59 -11.77
C ASP B 20 -13.00 9.60 -11.79
N ASN B 21 -11.83 8.96 -11.81
CA ASN B 21 -11.52 7.89 -12.75
C ASN B 21 -11.42 6.49 -12.20
N VAL B 22 -11.75 5.53 -13.06
CA VAL B 22 -11.76 4.14 -12.76
C VAL B 22 -10.36 3.53 -12.73
N SER B 23 -10.29 2.31 -12.19
N SER B 23 -10.26 2.33 -12.17
CA SER B 23 -9.12 1.45 -12.15
CA SER B 23 -9.06 1.51 -12.19
C SER B 23 -9.59 0.12 -12.68
C SER B 23 -9.56 0.14 -12.64
N TRP B 24 -8.67 -0.70 -13.17
CA TRP B 24 -9.07 -1.94 -13.77
C TRP B 24 -8.72 -3.18 -13.00
N ARG B 25 -9.60 -4.19 -13.14
CA ARG B 25 -9.46 -5.48 -12.49
C ARG B 25 -9.96 -6.57 -13.44
N HIS B 26 -9.16 -7.63 -13.59
CA HIS B 26 -9.40 -8.81 -14.41
C HIS B 26 -9.93 -9.96 -13.51
N PRO B 27 -10.95 -10.72 -13.96
CA PRO B 27 -11.51 -11.80 -13.12
C PRO B 27 -10.55 -12.87 -12.61
N THR B 28 -9.46 -13.20 -13.36
CA THR B 28 -8.53 -14.24 -12.90
C THR B 28 -7.13 -13.71 -12.63
N MET B 29 -6.76 -12.58 -13.24
CA MET B 29 -5.42 -12.02 -13.05
C MET B 29 -5.39 -10.95 -11.92
N GLY B 30 -6.55 -10.52 -11.46
CA GLY B 30 -6.63 -9.54 -10.38
C GLY B 30 -6.63 -8.09 -10.82
N SER B 31 -6.29 -7.16 -9.90
CA SER B 31 -6.25 -5.72 -10.18
C SER B 31 -4.95 -5.36 -10.86
N VAL B 32 -5.04 -4.56 -11.93
CA VAL B 32 -3.88 -4.13 -12.73
C VAL B 32 -2.88 -3.38 -11.86
N PHE B 33 -3.39 -2.43 -11.08
CA PHE B 33 -2.54 -1.64 -10.18
C PHE B 33 -1.79 -2.50 -9.18
N ILE B 34 -2.50 -3.44 -8.52
CA ILE B 34 -1.88 -4.35 -7.54
C ILE B 34 -0.75 -5.16 -8.16
N GLY B 35 -1.04 -5.80 -9.31
CA GLY B 35 -0.05 -6.61 -10.02
C GLY B 35 1.17 -5.77 -10.39
N ARG B 36 0.95 -4.52 -10.86
CA ARG B 36 2.03 -3.61 -11.26
C ARG B 36 2.86 -3.18 -10.03
N LEU B 37 2.18 -2.83 -8.93
CA LEU B 37 2.84 -2.43 -7.68
C LEU B 37 3.74 -3.59 -7.17
N ILE B 38 3.22 -4.83 -7.12
CA ILE B 38 3.98 -5.99 -6.63
C ILE B 38 5.25 -6.18 -7.49
N GLU B 39 5.11 -6.11 -8.81
CA GLU B 39 6.24 -6.26 -9.72
C GLU B 39 7.32 -5.22 -9.44
N HIS B 40 6.90 -3.95 -9.23
CA HIS B 40 7.81 -2.85 -8.96
C HIS B 40 8.47 -2.94 -7.59
N MET B 41 7.72 -3.34 -6.53
CA MET B 41 8.31 -3.50 -5.19
C MET B 41 9.32 -4.65 -5.23
N GLN B 42 8.99 -5.74 -5.94
CA GLN B 42 9.90 -6.88 -6.06
C GLN B 42 11.23 -6.49 -6.70
N GLU B 43 11.18 -5.71 -7.78
CA GLU B 43 12.37 -5.33 -8.51
C GLU B 43 13.15 -4.20 -7.85
N TYR B 44 12.44 -3.19 -7.27
CA TYR B 44 13.08 -1.95 -6.83
C TYR B 44 13.17 -1.69 -5.32
N ALA B 45 12.53 -2.52 -4.46
CA ALA B 45 12.65 -2.33 -2.99
C ALA B 45 14.13 -2.34 -2.55
N CYS B 46 14.98 -3.15 -3.20
CA CYS B 46 16.41 -3.25 -2.87
C CYS B 46 17.19 -1.97 -3.05
N SER B 47 16.77 -1.09 -3.99
CA SER B 47 17.59 0.09 -4.33
C SER B 47 16.89 1.45 -4.35
N CYS B 48 15.56 1.47 -4.32
CA CYS B 48 14.79 2.71 -4.40
C CYS B 48 13.97 2.92 -3.15
N ASP B 49 13.78 4.18 -2.72
CA ASP B 49 12.87 4.44 -1.60
C ASP B 49 11.42 4.30 -2.10
N VAL B 50 10.42 4.13 -1.19
N VAL B 50 10.46 4.14 -1.19
CA VAL B 50 9.02 3.90 -1.60
CA VAL B 50 9.05 3.88 -1.52
C VAL B 50 8.45 4.99 -2.50
C VAL B 50 8.44 4.98 -2.44
N GLU B 51 8.76 6.27 -2.24
CA GLU B 51 8.26 7.38 -3.10
C GLU B 51 8.78 7.20 -4.54
N GLU B 52 10.07 6.83 -4.69
CA GLU B 52 10.65 6.57 -6.02
C GLU B 52 9.97 5.36 -6.66
N ILE B 53 9.74 4.26 -5.90
CA ILE B 53 9.11 3.06 -6.47
C ILE B 53 7.72 3.45 -7.02
N PHE B 54 6.98 4.25 -6.25
CA PHE B 54 5.63 4.68 -6.62
C PHE B 54 5.66 5.51 -7.91
N ARG B 55 6.68 6.37 -8.07
N ARG B 55 6.68 6.36 -8.07
CA ARG B 55 6.83 7.16 -9.29
CA ARG B 55 6.85 7.16 -9.28
C ARG B 55 7.04 6.22 -10.49
C ARG B 55 7.09 6.25 -10.49
N LYS B 56 7.90 5.19 -10.31
CA LYS B 56 8.20 4.20 -11.37
C LYS B 56 6.91 3.45 -11.76
N VAL B 57 6.05 3.11 -10.77
CA VAL B 57 4.74 2.48 -11.04
C VAL B 57 3.89 3.43 -11.92
N ARG B 58 3.78 4.73 -11.55
N ARG B 58 3.79 4.72 -11.55
CA ARG B 58 3.05 5.74 -12.32
CA ARG B 58 3.04 5.72 -12.34
C ARG B 58 3.56 5.80 -13.75
C ARG B 58 3.56 5.76 -13.77
N PHE B 59 4.90 5.83 -13.92
CA PHE B 59 5.56 5.91 -15.23
C PHE B 59 5.19 4.69 -16.11
N SER B 60 5.05 3.49 -15.53
CA SER B 60 4.70 2.27 -16.28
C SER B 60 3.26 2.35 -16.82
N PHE B 61 2.41 3.26 -16.28
CA PHE B 61 1.03 3.40 -16.76
C PHE B 61 0.86 4.45 -17.88
N GLU B 62 1.92 5.15 -18.18
CA GLU B 62 1.94 6.27 -19.14
C GLU B 62 1.35 6.06 -20.51
N GLN B 63 1.69 5.00 -21.25
CA GLN B 63 1.16 4.90 -22.62
C GLN B 63 -0.20 4.17 -22.59
N PRO B 64 -1.37 4.85 -22.49
CA PRO B 64 -2.64 4.11 -22.34
C PRO B 64 -3.12 3.35 -23.57
N ASP B 65 -3.23 2.03 -23.42
CA ASP B 65 -3.67 1.13 -24.49
C ASP B 65 -5.00 0.42 -24.20
N GLY B 66 -6.09 1.20 -24.11
CA GLY B 66 -7.43 0.65 -23.89
C GLY B 66 -8.00 0.63 -22.48
N ARG B 67 -7.13 0.52 -21.43
CA ARG B 67 -7.62 0.52 -20.05
C ARG B 67 -6.82 1.52 -19.21
N ALA B 68 -6.89 2.80 -19.59
CA ALA B 68 -6.13 3.85 -18.92
C ALA B 68 -6.40 4.01 -17.44
N GLN B 69 -5.33 4.20 -16.69
CA GLN B 69 -5.41 4.51 -15.26
C GLN B 69 -4.10 5.13 -14.85
N MET B 70 -4.18 6.16 -14.00
CA MET B 70 -2.95 6.82 -13.57
C MET B 70 -2.90 6.80 -12.04
N PRO B 71 -2.16 5.84 -11.43
CA PRO B 71 -2.07 5.81 -9.97
C PRO B 71 -1.52 7.15 -9.46
N THR B 72 -2.01 7.59 -8.31
CA THR B 72 -1.69 8.92 -7.75
C THR B 72 -1.20 8.77 -6.32
N THR B 73 -0.15 9.52 -5.92
CA THR B 73 0.25 9.52 -4.51
C THR B 73 -0.44 10.71 -3.84
N GLU B 74 -0.91 10.50 -2.62
CA GLU B 74 -1.74 11.50 -1.92
C GLU B 74 -1.29 11.74 -0.52
N ARG B 75 -1.58 12.97 -0.03
CA ARG B 75 -1.42 13.38 1.37
C ARG B 75 -0.10 12.89 1.96
N VAL B 76 0.97 13.28 1.31
CA VAL B 76 2.31 12.84 1.65
C VAL B 76 2.96 13.71 2.70
N THR B 77 3.32 13.07 3.83
CA THR B 77 4.02 13.75 4.92
C THR B 77 5.27 12.97 5.36
N LEU B 78 5.82 12.12 4.47
CA LEU B 78 7.09 11.46 4.79
C LEU B 78 8.14 12.57 4.82
N THR B 79 8.97 12.59 5.85
CA THR B 79 9.99 13.62 5.99
C THR B 79 11.34 13.04 5.63
N ARG B 80 11.39 11.70 5.52
CA ARG B 80 12.62 11.00 5.19
C ARG B 80 12.34 10.02 4.05
N CYS B 81 13.40 9.44 3.47
CA CYS B 81 13.23 8.39 2.47
C CYS B 81 12.89 7.11 3.21
N PHE B 82 11.91 6.36 2.70
CA PHE B 82 11.59 5.08 3.31
C PHE B 82 12.17 3.97 2.42
N TYR B 83 13.35 3.44 2.80
CA TYR B 83 13.99 2.29 2.16
C TYR B 83 13.57 1.04 2.94
N LEU B 84 13.13 0.01 2.23
CA LEU B 84 12.67 -1.25 2.81
C LEU B 84 13.82 -2.20 3.17
N PHE B 85 15.00 -1.99 2.59
CA PHE B 85 16.19 -2.85 2.82
C PHE B 85 15.81 -4.36 2.87
N PRO B 86 15.17 -4.90 1.79
CA PRO B 86 14.79 -6.33 1.82
C PRO B 86 16.00 -7.21 2.07
N GLY B 87 15.85 -8.13 3.02
CA GLY B 87 16.92 -9.03 3.46
C GLY B 87 17.54 -8.61 4.78
N HIS B 88 17.23 -7.37 5.23
CA HIS B 88 17.72 -6.77 6.49
C HIS B 88 16.56 -6.44 7.40
#